data_385D
# 
_entry.id   385D 
# 
_audit_conform.dict_name       mmcif_pdbx.dic 
_audit_conform.dict_version    5.387 
_audit_conform.dict_location   http://mmcif.pdb.org/dictionaries/ascii/mmcif_pdbx.dic 
# 
loop_
_database_2.database_id 
_database_2.database_code 
_database_2.pdbx_database_accession 
_database_2.pdbx_DOI 
PDB   385D         pdb_0000385d 10.2210/pdb385d/pdb 
RCSB  DDF078       ?            ?                   
WWPDB D_1000178850 ?            ?                   
# 
loop_
_pdbx_audit_revision_history.ordinal 
_pdbx_audit_revision_history.data_content_type 
_pdbx_audit_revision_history.major_revision 
_pdbx_audit_revision_history.minor_revision 
_pdbx_audit_revision_history.revision_date 
1 'Structure model' 1 0 1998-10-30 
2 'Structure model' 1 1 2008-05-22 
3 'Structure model' 1 2 2011-07-13 
4 'Structure model' 1 3 2024-02-21 
# 
_pdbx_audit_revision_details.ordinal             1 
_pdbx_audit_revision_details.revision_ordinal    1 
_pdbx_audit_revision_details.data_content_type   'Structure model' 
_pdbx_audit_revision_details.provider            repository 
_pdbx_audit_revision_details.type                'Initial release' 
_pdbx_audit_revision_details.description         ? 
_pdbx_audit_revision_details.details             ? 
# 
loop_
_pdbx_audit_revision_group.ordinal 
_pdbx_audit_revision_group.revision_ordinal 
_pdbx_audit_revision_group.data_content_type 
_pdbx_audit_revision_group.group 
1 2 'Structure model' 'Version format compliance' 
2 3 'Structure model' 'Version format compliance' 
3 4 'Structure model' 'Data collection'           
4 4 'Structure model' 'Database references'       
5 4 'Structure model' 'Derived calculations'      
# 
loop_
_pdbx_audit_revision_category.ordinal 
_pdbx_audit_revision_category.revision_ordinal 
_pdbx_audit_revision_category.data_content_type 
_pdbx_audit_revision_category.category 
1 4 'Structure model' chem_comp_atom 
2 4 'Structure model' chem_comp_bond 
3 4 'Structure model' database_2     
4 4 'Structure model' struct_site    
# 
loop_
_pdbx_audit_revision_item.ordinal 
_pdbx_audit_revision_item.revision_ordinal 
_pdbx_audit_revision_item.data_content_type 
_pdbx_audit_revision_item.item 
1 4 'Structure model' '_database_2.pdbx_DOI'                
2 4 'Structure model' '_database_2.pdbx_database_accession' 
3 4 'Structure model' '_struct_site.pdbx_auth_asym_id'      
4 4 'Structure model' '_struct_site.pdbx_auth_comp_id'      
5 4 'Structure model' '_struct_site.pdbx_auth_seq_id'       
# 
_pdbx_database_status.status_code                     REL 
_pdbx_database_status.entry_id                        385D 
_pdbx_database_status.recvd_initial_deposition_date   1998-03-05 
_pdbx_database_status.deposit_site                    NDB 
_pdbx_database_status.process_site                    NDB 
_pdbx_database_status.status_code_sf                  REL 
_pdbx_database_status.status_code_mr                  ? 
_pdbx_database_status.SG_entry                        ? 
_pdbx_database_status.pdb_format_compatible           Y 
_pdbx_database_status.status_code_cs                  ? 
_pdbx_database_status.status_code_nmr_data            ? 
_pdbx_database_status.methods_development_category    ? 
# 
loop_
_audit_author.name 
_audit_author.pdbx_ordinal 
'Ettorre, A.' 1 
'Cirilli, M.' 2 
'Ughetto, G.' 3 
# 
_citation.id                        primary 
_citation.title                     
'Degradation of the morpholino ring in the crystal structure of cyanomorpholinodoxorubicin complexed with d(CGATCG).' 
_citation.journal_abbrev            Eur.J.Biochem. 
_citation.journal_volume            258 
_citation.page_first                350 
_citation.page_last                 354 
_citation.year                      1998 
_citation.journal_id_ASTM           EJBCAI 
_citation.country                   IX 
_citation.journal_id_ISSN           0014-2956 
_citation.journal_id_CSD            0262 
_citation.book_publisher            ? 
_citation.pdbx_database_id_PubMed   9874199 
_citation.pdbx_database_id_DOI      10.1046/j.1432-1327.1998.2580350.x 
# 
loop_
_citation_author.citation_id 
_citation_author.name 
_citation_author.ordinal 
_citation_author.identifier_ORCID 
primary 'Ettorre, A.' 1 ? 
primary 'Cirilli, M.' 2 ? 
primary 'Ughetto, G.' 3 ? 
# 
loop_
_entity.id 
_entity.type 
_entity.src_method 
_entity.pdbx_description 
_entity.formula_weight 
_entity.pdbx_number_of_molecules 
_entity.pdbx_ec 
_entity.pdbx_mutation 
_entity.pdbx_fragment 
_entity.details 
1 polymer     syn 
;DNA (5'-D(*CP*GP*AP*TP*CP*G)-3')
;
1809.217 1  ? ? ? ? 
2 non-polymer syn N-ETHYLHYDROXY-DOXORUBICIN         587.572  1  ? ? ? ? 
3 water       nat water                              18.015   27 ? ? ? ? 
# 
_entity_poly.entity_id                      1 
_entity_poly.type                           polydeoxyribonucleotide 
_entity_poly.nstd_linkage                   no 
_entity_poly.nstd_monomer                   no 
_entity_poly.pdbx_seq_one_letter_code       '(DC)(DG)(DA)(DT)(DC)(DG)' 
_entity_poly.pdbx_seq_one_letter_code_can   CGATCG 
_entity_poly.pdbx_strand_id                 A 
_entity_poly.pdbx_target_identifier         ? 
# 
loop_
_pdbx_entity_nonpoly.entity_id 
_pdbx_entity_nonpoly.name 
_pdbx_entity_nonpoly.comp_id 
2 N-ETHYLHYDROXY-DOXORUBICIN NOD 
3 water                      HOH 
# 
loop_
_entity_poly_seq.entity_id 
_entity_poly_seq.num 
_entity_poly_seq.mon_id 
_entity_poly_seq.hetero 
1 1 DC n 
1 2 DG n 
1 3 DA n 
1 4 DT n 
1 5 DC n 
1 6 DG n 
# 
loop_
_chem_comp.id 
_chem_comp.type 
_chem_comp.mon_nstd_flag 
_chem_comp.name 
_chem_comp.pdbx_synonyms 
_chem_comp.formula 
_chem_comp.formula_weight 
DA  'DNA linking' y "2'-DEOXYADENOSINE-5'-MONOPHOSPHATE" ? 'C10 H14 N5 O6 P' 331.222 
DC  'DNA linking' y "2'-DEOXYCYTIDINE-5'-MONOPHOSPHATE"  ? 'C9 H14 N3 O7 P'  307.197 
DG  'DNA linking' y "2'-DEOXYGUANOSINE-5'-MONOPHOSPHATE" ? 'C10 H14 N5 O7 P' 347.221 
DT  'DNA linking' y "THYMIDINE-5'-MONOPHOSPHATE"         ? 'C10 H15 N2 O8 P' 322.208 
HOH non-polymer   . WATER                                ? 'H2 O'            18.015  
NOD non-polymer   . N-ETHYLHYDROXY-DOXORUBICIN           ? 'C29 H33 N O12'   587.572 
# 
loop_
_pdbx_poly_seq_scheme.asym_id 
_pdbx_poly_seq_scheme.entity_id 
_pdbx_poly_seq_scheme.seq_id 
_pdbx_poly_seq_scheme.mon_id 
_pdbx_poly_seq_scheme.ndb_seq_num 
_pdbx_poly_seq_scheme.pdb_seq_num 
_pdbx_poly_seq_scheme.auth_seq_num 
_pdbx_poly_seq_scheme.pdb_mon_id 
_pdbx_poly_seq_scheme.auth_mon_id 
_pdbx_poly_seq_scheme.pdb_strand_id 
_pdbx_poly_seq_scheme.pdb_ins_code 
_pdbx_poly_seq_scheme.hetero 
A 1 1 DC 1 1 1 DC C A . n 
A 1 2 DG 2 2 2 DG G A . n 
A 1 3 DA 3 3 3 DA A A . n 
A 1 4 DT 4 4 4 DT T A . n 
A 1 5 DC 5 5 5 DC C A . n 
A 1 6 DG 6 6 6 DG G A . n 
# 
loop_
_pdbx_nonpoly_scheme.asym_id 
_pdbx_nonpoly_scheme.entity_id 
_pdbx_nonpoly_scheme.mon_id 
_pdbx_nonpoly_scheme.ndb_seq_num 
_pdbx_nonpoly_scheme.pdb_seq_num 
_pdbx_nonpoly_scheme.auth_seq_num 
_pdbx_nonpoly_scheme.pdb_mon_id 
_pdbx_nonpoly_scheme.auth_mon_id 
_pdbx_nonpoly_scheme.pdb_strand_id 
_pdbx_nonpoly_scheme.pdb_ins_code 
B 2 NOD 1  7  7  NOD NOD A . 
C 3 HOH 1  8  8  HOH HOH A . 
C 3 HOH 2  9  9  HOH HOH A . 
C 3 HOH 3  10 10 HOH HOH A . 
C 3 HOH 4  11 11 HOH HOH A . 
C 3 HOH 5  12 12 HOH HOH A . 
C 3 HOH 6  13 13 HOH HOH A . 
C 3 HOH 7  14 14 HOH HOH A . 
C 3 HOH 8  15 15 HOH HOH A . 
C 3 HOH 9  16 16 HOH HOH A . 
C 3 HOH 10 17 17 HOH HOH A . 
C 3 HOH 11 18 18 HOH HOH A . 
C 3 HOH 12 19 19 HOH HOH A . 
C 3 HOH 13 20 20 HOH HOH A . 
C 3 HOH 14 21 21 HOH HOH A . 
C 3 HOH 15 22 22 HOH HOH A . 
C 3 HOH 16 23 23 HOH HOH A . 
C 3 HOH 17 24 24 HOH HOH A . 
C 3 HOH 18 25 25 HOH HOH A . 
C 3 HOH 19 26 26 HOH HOH A . 
C 3 HOH 20 27 27 HOH HOH A . 
C 3 HOH 21 28 28 HOH HOH A . 
C 3 HOH 22 29 29 HOH HOH A . 
C 3 HOH 23 30 30 HOH HOH A . 
C 3 HOH 24 31 31 HOH HOH A . 
C 3 HOH 25 32 32 HOH HOH A . 
C 3 HOH 26 33 33 HOH HOH A . 
C 3 HOH 27 34 34 HOH HOH A . 
# 
loop_
_software.name 
_software.classification 
_software.version 
_software.citation_id 
_software.pdbx_ordinal 
NUCLSQ refinement       . ? 1 
TEXSAN 'data reduction' . ? 2 
TEXRAY 'data reduction' . ? 3 
# 
_cell.entry_id           385D 
_cell.length_a           28.130 
_cell.length_b           28.130 
_cell.length_c           53.560 
_cell.angle_alpha        90.00 
_cell.angle_beta         90.00 
_cell.angle_gamma        90.00 
_cell.Z_PDB              8 
_cell.pdbx_unique_axis   ? 
# 
_symmetry.entry_id                         385D 
_symmetry.space_group_name_H-M             'P 41 21 2' 
_symmetry.pdbx_full_space_group_name_H-M   ? 
_symmetry.cell_setting                     tetragonal 
_symmetry.Int_Tables_number                92 
# 
_exptl.entry_id          385D 
_exptl.method            'X-RAY DIFFRACTION' 
_exptl.crystals_number   1 
# 
_exptl_crystal.id                    1 
_exptl_crystal.density_meas          ? 
_exptl_crystal.density_Matthews      2.93 
_exptl_crystal.density_percent_sol   57.99 
_exptl_crystal.description           ? 
# 
_exptl_crystal_grow.crystal_id      1 
_exptl_crystal_grow.method          'VAPOR DIFFUSION, SITTING DROP' 
_exptl_crystal_grow.temp            ? 
_exptl_crystal_grow.temp_details    ? 
_exptl_crystal_grow.pH              5.50 
_exptl_crystal_grow.pdbx_details    'pH 5.50, VAPOR DIFFUSION, SITTING DROP' 
_exptl_crystal_grow.pdbx_pH_range   ? 
# 
loop_
_exptl_crystal_grow_comp.crystal_id 
_exptl_crystal_grow_comp.id 
_exptl_crystal_grow_comp.sol_id 
_exptl_crystal_grow_comp.name 
_exptl_crystal_grow_comp.volume 
_exptl_crystal_grow_comp.conc 
_exptl_crystal_grow_comp.details 
1 1 1 WATER           ? ? ? 
1 2 1 MPD             ? ? ? 
1 3 1 SPERMINE_HCL    ? ? ? 
1 4 1 'NA CACODYLATE' ? ? ? 
1 5 1 MGCL2           ? ? ? 
# 
_diffrn.id                     1 
_diffrn.ambient_temp           298.00 
_diffrn.ambient_temp_details   ? 
_diffrn.crystal_id             1 
# 
_diffrn_detector.diffrn_id              1 
_diffrn_detector.detector               DIFFRACTOMETER 
_diffrn_detector.type                   'RIGAKU AFC-5R' 
_diffrn_detector.pdbx_collection_date   1995-10 
_diffrn_detector.details                ? 
# 
_diffrn_radiation.diffrn_id                        1 
_diffrn_radiation.wavelength_id                    1 
_diffrn_radiation.pdbx_monochromatic_or_laue_m_l   M 
_diffrn_radiation.monochromator                    GRAPHITE 
_diffrn_radiation.pdbx_diffrn_protocol             ? 
_diffrn_radiation.pdbx_scattering_type             x-ray 
# 
_diffrn_radiation_wavelength.id           1 
_diffrn_radiation_wavelength.wavelength   . 
_diffrn_radiation_wavelength.wt           1.0 
# 
_diffrn_source.diffrn_id                   1 
_diffrn_source.source                      'ROTATING ANODE' 
_diffrn_source.type                        'RIGAKU RU200' 
_diffrn_source.pdbx_synchrotron_site       ? 
_diffrn_source.pdbx_synchrotron_beamline   ? 
_diffrn_source.pdbx_wavelength             ? 
_diffrn_source.pdbx_wavelength_list        ? 
# 
_reflns.entry_id                     385D 
_reflns.observed_criterion_sigma_I   ? 
_reflns.observed_criterion_sigma_F   ? 
_reflns.d_resolution_low             8.000 
_reflns.d_resolution_high            1.600 
_reflns.number_obs                   3509 
_reflns.number_all                   ? 
_reflns.percent_possible_obs         ? 
_reflns.pdbx_Rmerge_I_obs            0.1210000 
_reflns.pdbx_Rsym_value              ? 
_reflns.pdbx_netI_over_sigmaI        ? 
_reflns.B_iso_Wilson_estimate        9.18 
_reflns.pdbx_redundancy              ? 
_reflns.pdbx_diffrn_id               1 
_reflns.pdbx_ordinal                 1 
# 
_refine.entry_id                                 385D 
_refine.ls_number_reflns_obs                     1212 
_refine.ls_number_reflns_all                     3509 
_refine.pdbx_ls_sigma_I                          ? 
_refine.pdbx_ls_sigma_F                          2.000 
_refine.pdbx_data_cutoff_high_absF               ? 
_refine.pdbx_data_cutoff_low_absF                ? 
_refine.pdbx_data_cutoff_high_rms_absF           ? 
_refine.ls_d_res_low                             8.000 
_refine.ls_d_res_high                            1.600 
_refine.ls_percent_reflns_obs                    ? 
_refine.ls_R_factor_obs                          0.2070000 
_refine.ls_R_factor_all                          0.2060000 
_refine.ls_R_factor_R_work                       ? 
_refine.ls_R_factor_R_free                       0.2170000 
_refine.ls_R_factor_R_free_error                 ? 
_refine.ls_R_factor_R_free_error_details         ? 
_refine.ls_percent_reflns_R_free                 10.000 
_refine.ls_number_reflns_R_free                  ? 
_refine.ls_number_parameters                     ? 
_refine.ls_number_restraints                     ? 
_refine.occupancy_min                            ? 
_refine.occupancy_max                            ? 
_refine.B_iso_mean                               ? 
_refine.aniso_B[1][1]                            ? 
_refine.aniso_B[2][2]                            ? 
_refine.aniso_B[3][3]                            ? 
_refine.aniso_B[1][2]                            ? 
_refine.aniso_B[1][3]                            ? 
_refine.aniso_B[2][3]                            ? 
_refine.solvent_model_details                    ? 
_refine.solvent_model_param_ksol                 ? 
_refine.solvent_model_param_bsol                 ? 
_refine.pdbx_ls_cross_valid_method               ? 
_refine.details                                  ? 
_refine.pdbx_starting_model                      ? 
_refine.pdbx_method_to_determine_struct          ? 
_refine.pdbx_isotropic_thermal_model             ? 
_refine.pdbx_stereochemistry_target_values       ? 
_refine.pdbx_stereochem_target_val_spec_case     ? 
_refine.pdbx_R_Free_selection_details            RANDOM 
_refine.pdbx_overall_ESU_R                       ? 
_refine.pdbx_overall_ESU_R_Free                  ? 
_refine.overall_SU_ML                            ? 
_refine.overall_SU_B                             ? 
_refine.pdbx_refine_id                           'X-RAY DIFFRACTION' 
_refine.pdbx_diffrn_id                           1 
_refine.pdbx_TLS_residual_ADP_flag               ? 
_refine.correlation_coeff_Fo_to_Fc               ? 
_refine.correlation_coeff_Fo_to_Fc_free          ? 
_refine.pdbx_solvent_vdw_probe_radii             ? 
_refine.pdbx_solvent_ion_probe_radii             ? 
_refine.pdbx_solvent_shrinkage_radii             ? 
_refine.pdbx_overall_phase_error                 ? 
_refine.overall_SU_R_Cruickshank_DPI             ? 
_refine.pdbx_overall_SU_R_free_Cruickshank_DPI   ? 
_refine.pdbx_overall_SU_R_Blow_DPI               ? 
_refine.pdbx_overall_SU_R_free_Blow_DPI          ? 
# 
_refine_hist.pdbx_refine_id                   'X-RAY DIFFRACTION' 
_refine_hist.cycle_id                         LAST 
_refine_hist.pdbx_number_atoms_protein        0 
_refine_hist.pdbx_number_atoms_nucleic_acid   120 
_refine_hist.pdbx_number_atoms_ligand         42 
_refine_hist.number_atoms_solvent             27 
_refine_hist.number_atoms_total               189 
_refine_hist.d_res_high                       1.600 
_refine_hist.d_res_low                        8.000 
# 
loop_
_refine_ls_restr.type 
_refine_ls_restr.dev_ideal 
_refine_ls_restr.dev_ideal_target 
_refine_ls_restr.weight 
_refine_ls_restr.number 
_refine_ls_restr.pdbx_refine_id 
_refine_ls_restr.pdbx_restraint_function 
n_bond_d               0.008 ? ? ? 'X-RAY DIFFRACTION' ? 
n_angle_d              ?     ? ? ? 'X-RAY DIFFRACTION' ? 
n_planar_d             ?     ? ? ? 'X-RAY DIFFRACTION' ? 
n_hb_or_metal_coord    ?     ? ? ? 'X-RAY DIFFRACTION' ? 
n_sugar_bond_it        ?     ? ? ? 'X-RAY DIFFRACTION' ? 
n_sugar_angle_it       ?     ? ? ? 'X-RAY DIFFRACTION' ? 
n_phos_bond_it         ?     ? ? ? 'X-RAY DIFFRACTION' ? 
n_phos_angle_it        ?     ? ? ? 'X-RAY DIFFRACTION' ? 
n_bond_angle_restr     ?     ? ? ? 'X-RAY DIFFRACTION' ? 
n_dihedral_angle_restr ?     ? ? ? 'X-RAY DIFFRACTION' ? 
n_impr_tor             ?     ? ? ? 'X-RAY DIFFRACTION' ? 
n_sugar_bond_d         ?     ? ? ? 'X-RAY DIFFRACTION' ? 
n_sugar_bond_angle_d   ?     ? ? ? 'X-RAY DIFFRACTION' ? 
n_phos_bond_d          ?     ? ? ? 'X-RAY DIFFRACTION' ? 
n_phos_bond_angle_d    ?     ? ? ? 'X-RAY DIFFRACTION' ? 
n_plane_restr          ?     ? ? ? 'X-RAY DIFFRACTION' ? 
n_chiral_restr         ?     ? ? ? 'X-RAY DIFFRACTION' ? 
n_singtor_nbd          ?     ? ? ? 'X-RAY DIFFRACTION' ? 
n_multtor_nbd          ?     ? ? ? 'X-RAY DIFFRACTION' ? 
n_xhyhbond_nbd         ?     ? ? ? 'X-RAY DIFFRACTION' ? 
# 
_struct.entry_id                  385D 
_struct.title                     
'FORMATION OF A NEW COMPOUND IN THE CRYSTAL STRUCTURE OF CYANOMORPHOLINODOXORUBICIN COMPLEXED WITH D(CGATCG)' 
_struct.pdbx_model_details        ? 
_struct.pdbx_CASP_flag            ? 
_struct.pdbx_model_type_details   ? 
# 
_struct_keywords.entry_id        385D 
_struct_keywords.pdbx_keywords   DNA 
_struct_keywords.text            'RIGHT HANDED DNA, DOUBLE HELIX, COMPLEXED WITH DRUG, DNA' 
# 
loop_
_struct_asym.id 
_struct_asym.pdbx_blank_PDB_chainid_flag 
_struct_asym.pdbx_modified 
_struct_asym.entity_id 
_struct_asym.details 
A N N 1 ? 
B N N 2 ? 
C N N 3 ? 
# 
_struct_ref.id                         1 
_struct_ref.entity_id                  1 
_struct_ref.db_name                    PDB 
_struct_ref.db_code                    385D 
_struct_ref.pdbx_db_accession          385D 
_struct_ref.pdbx_db_isoform            ? 
_struct_ref.pdbx_seq_one_letter_code   ? 
_struct_ref.pdbx_align_begin           ? 
# 
_struct_ref_seq.align_id                      1 
_struct_ref_seq.ref_id                        1 
_struct_ref_seq.pdbx_PDB_id_code              385D 
_struct_ref_seq.pdbx_strand_id                A 
_struct_ref_seq.seq_align_beg                 1 
_struct_ref_seq.pdbx_seq_align_beg_ins_code   ? 
_struct_ref_seq.seq_align_end                 6 
_struct_ref_seq.pdbx_seq_align_end_ins_code   ? 
_struct_ref_seq.pdbx_db_accession             385D 
_struct_ref_seq.db_align_beg                  1 
_struct_ref_seq.pdbx_db_align_beg_ins_code    ? 
_struct_ref_seq.db_align_end                  6 
_struct_ref_seq.pdbx_db_align_end_ins_code    ? 
_struct_ref_seq.pdbx_auth_seq_align_beg       1 
_struct_ref_seq.pdbx_auth_seq_align_end       6 
# 
_pdbx_struct_assembly.id                   1 
_pdbx_struct_assembly.details              author_defined_assembly 
_pdbx_struct_assembly.method_details       ? 
_pdbx_struct_assembly.oligomeric_details   dimeric 
_pdbx_struct_assembly.oligomeric_count     2 
# 
_pdbx_struct_assembly_gen.assembly_id       1 
_pdbx_struct_assembly_gen.oper_expression   1,2 
_pdbx_struct_assembly_gen.asym_id_list      A,B,C 
# 
loop_
_pdbx_struct_oper_list.id 
_pdbx_struct_oper_list.type 
_pdbx_struct_oper_list.name 
_pdbx_struct_oper_list.symmetry_operation 
_pdbx_struct_oper_list.matrix[1][1] 
_pdbx_struct_oper_list.matrix[1][2] 
_pdbx_struct_oper_list.matrix[1][3] 
_pdbx_struct_oper_list.vector[1] 
_pdbx_struct_oper_list.matrix[2][1] 
_pdbx_struct_oper_list.matrix[2][2] 
_pdbx_struct_oper_list.matrix[2][3] 
_pdbx_struct_oper_list.vector[2] 
_pdbx_struct_oper_list.matrix[3][1] 
_pdbx_struct_oper_list.matrix[3][2] 
_pdbx_struct_oper_list.matrix[3][3] 
_pdbx_struct_oper_list.vector[3] 
1 'identity operation'         1_555 x,y,z            1.0000000000  0.0000000000 0.0000000000  0.0000000000 0.0000000000 1.0000000000 0.0000000000  0.0000000000  0.0000000000  0.0000000000  1.0000000000  0.0000000000 
2 'crystal symmetry operation' 8_665 -y+1,-x+1,-z+1/2 -0.6495366043 0.6590591372 -0.3791348750 4.4295479240 0.6590591372 0.2393846306 -0.7129768947 -0.5967662246 -0.3791348750 -0.7129768947 -0.5898480264 3.0571974523 
# 
_struct_biol.id   1 
# 
loop_
_struct_conn.id 
_struct_conn.conn_type_id 
_struct_conn.pdbx_leaving_atom_flag 
_struct_conn.pdbx_PDB_id 
_struct_conn.ptnr1_label_asym_id 
_struct_conn.ptnr1_label_comp_id 
_struct_conn.ptnr1_label_seq_id 
_struct_conn.ptnr1_label_atom_id 
_struct_conn.pdbx_ptnr1_label_alt_id 
_struct_conn.pdbx_ptnr1_PDB_ins_code 
_struct_conn.pdbx_ptnr1_standard_comp_id 
_struct_conn.ptnr1_symmetry 
_struct_conn.ptnr2_label_asym_id 
_struct_conn.ptnr2_label_comp_id 
_struct_conn.ptnr2_label_seq_id 
_struct_conn.ptnr2_label_atom_id 
_struct_conn.pdbx_ptnr2_label_alt_id 
_struct_conn.pdbx_ptnr2_PDB_ins_code 
_struct_conn.ptnr1_auth_asym_id 
_struct_conn.ptnr1_auth_comp_id 
_struct_conn.ptnr1_auth_seq_id 
_struct_conn.ptnr2_auth_asym_id 
_struct_conn.ptnr2_auth_comp_id 
_struct_conn.ptnr2_auth_seq_id 
_struct_conn.ptnr2_symmetry 
_struct_conn.pdbx_ptnr3_label_atom_id 
_struct_conn.pdbx_ptnr3_label_seq_id 
_struct_conn.pdbx_ptnr3_label_comp_id 
_struct_conn.pdbx_ptnr3_label_asym_id 
_struct_conn.pdbx_ptnr3_label_alt_id 
_struct_conn.pdbx_ptnr3_PDB_ins_code 
_struct_conn.details 
_struct_conn.pdbx_dist_value 
_struct_conn.pdbx_value_order 
_struct_conn.pdbx_role 
hydrog1  hydrog ? ? A DC 1 N3 ? ? ? 1_555 A DG 6 N1 ? ? A DC 1 A DG 6 8_665 ? ? ? ? ? ? WATSON-CRICK ? ? ? 
hydrog2  hydrog ? ? A DC 1 N4 ? ? ? 1_555 A DG 6 O6 ? ? A DC 1 A DG 6 8_665 ? ? ? ? ? ? WATSON-CRICK ? ? ? 
hydrog3  hydrog ? ? A DC 1 O2 ? ? ? 1_555 A DG 6 N2 ? ? A DC 1 A DG 6 8_665 ? ? ? ? ? ? WATSON-CRICK ? ? ? 
hydrog4  hydrog ? ? A DG 2 N1 ? ? ? 1_555 A DC 5 N3 ? ? A DG 2 A DC 5 8_665 ? ? ? ? ? ? WATSON-CRICK ? ? ? 
hydrog5  hydrog ? ? A DG 2 N2 ? ? ? 1_555 A DC 5 O2 ? ? A DG 2 A DC 5 8_665 ? ? ? ? ? ? WATSON-CRICK ? ? ? 
hydrog6  hydrog ? ? A DG 2 O6 ? ? ? 1_555 A DC 5 N4 ? ? A DG 2 A DC 5 8_665 ? ? ? ? ? ? WATSON-CRICK ? ? ? 
hydrog7  hydrog ? ? A DA 3 N1 ? ? ? 1_555 A DT 4 N3 ? ? A DA 3 A DT 4 8_665 ? ? ? ? ? ? WATSON-CRICK ? ? ? 
hydrog8  hydrog ? ? A DA 3 N6 ? ? ? 1_555 A DT 4 O4 ? ? A DA 3 A DT 4 8_665 ? ? ? ? ? ? WATSON-CRICK ? ? ? 
hydrog9  hydrog ? ? A DT 4 N3 ? ? ? 1_555 A DA 3 N1 ? ? A DT 4 A DA 3 8_665 ? ? ? ? ? ? WATSON-CRICK ? ? ? 
hydrog10 hydrog ? ? A DT 4 O4 ? ? ? 1_555 A DA 3 N6 ? ? A DT 4 A DA 3 8_665 ? ? ? ? ? ? WATSON-CRICK ? ? ? 
hydrog11 hydrog ? ? A DC 5 N3 ? ? ? 1_555 A DG 2 N1 ? ? A DC 5 A DG 2 8_665 ? ? ? ? ? ? WATSON-CRICK ? ? ? 
hydrog12 hydrog ? ? A DC 5 N4 ? ? ? 1_555 A DG 2 O6 ? ? A DC 5 A DG 2 8_665 ? ? ? ? ? ? WATSON-CRICK ? ? ? 
hydrog13 hydrog ? ? A DC 5 O2 ? ? ? 1_555 A DG 2 N2 ? ? A DC 5 A DG 2 8_665 ? ? ? ? ? ? WATSON-CRICK ? ? ? 
hydrog14 hydrog ? ? A DG 6 N1 ? ? ? 1_555 A DC 1 N3 ? ? A DG 6 A DC 1 8_665 ? ? ? ? ? ? WATSON-CRICK ? ? ? 
hydrog15 hydrog ? ? A DG 6 N2 ? ? ? 1_555 A DC 1 O2 ? ? A DG 6 A DC 1 8_665 ? ? ? ? ? ? WATSON-CRICK ? ? ? 
hydrog16 hydrog ? ? A DG 6 O6 ? ? ? 1_555 A DC 1 N4 ? ? A DG 6 A DC 1 8_665 ? ? ? ? ? ? WATSON-CRICK ? ? ? 
# 
_struct_conn_type.id          hydrog 
_struct_conn_type.criteria    ? 
_struct_conn_type.reference   ? 
# 
loop_
_struct_site.id 
_struct_site.pdbx_evidence_code 
_struct_site.pdbx_auth_asym_id 
_struct_site.pdbx_auth_comp_id 
_struct_site.pdbx_auth_seq_id 
_struct_site.pdbx_auth_ins_code 
_struct_site.pdbx_num_residues 
_struct_site.details 
AC1 Software A NOD 7 ? 10 'BINDING SITE FOR RESIDUE NOD A 7' 
1   ?        ? ?   ? ? ?  ?                                  
# 
loop_
_struct_site_gen.id 
_struct_site_gen.site_id 
_struct_site_gen.pdbx_num_res 
_struct_site_gen.label_comp_id 
_struct_site_gen.label_asym_id 
_struct_site_gen.label_seq_id 
_struct_site_gen.pdbx_auth_ins_code 
_struct_site_gen.auth_comp_id 
_struct_site_gen.auth_asym_id 
_struct_site_gen.auth_seq_id 
_struct_site_gen.label_atom_id 
_struct_site_gen.label_alt_id 
_struct_site_gen.symmetry 
_struct_site_gen.details 
1  AC1 10 DC  A 1 ? DC  A 1  . ? 8_665 ? 
2  AC1 10 DG  A 2 ? DG  A 2  . ? 8_665 ? 
3  AC1 10 DA  A 3 ? DA  A 3  . ? 8_665 ? 
4  AC1 10 DT  A 4 ? DT  A 4  . ? 8_665 ? 
5  AC1 10 DC  A 5 ? DC  A 5  . ? 1_555 ? 
6  AC1 10 DG  A 6 ? DG  A 6  . ? 1_555 ? 
7  AC1 10 HOH C . ? HOH A 13 . ? 1_555 ? 
8  AC1 10 HOH C . ? HOH A 15 . ? 8_665 ? 
9  AC1 10 HOH C . ? HOH A 21 . ? 1_555 ? 
10 AC1 10 HOH C . ? HOH A 23 . ? 1_555 ? 
# 
_pdbx_validate_symm_contact.id                1 
_pdbx_validate_symm_contact.PDB_model_num     1 
_pdbx_validate_symm_contact.auth_atom_id_1    O6 
_pdbx_validate_symm_contact.auth_asym_id_1    A 
_pdbx_validate_symm_contact.auth_comp_id_1    DG 
_pdbx_validate_symm_contact.auth_seq_id_1     6 
_pdbx_validate_symm_contact.PDB_ins_code_1    ? 
_pdbx_validate_symm_contact.label_alt_id_1    ? 
_pdbx_validate_symm_contact.site_symmetry_1   1_555 
_pdbx_validate_symm_contact.auth_atom_id_2    O 
_pdbx_validate_symm_contact.auth_asym_id_2    A 
_pdbx_validate_symm_contact.auth_comp_id_2    HOH 
_pdbx_validate_symm_contact.auth_seq_id_2     9 
_pdbx_validate_symm_contact.PDB_ins_code_2    ? 
_pdbx_validate_symm_contact.label_alt_id_2    ? 
_pdbx_validate_symm_contact.site_symmetry_2   8_665 
_pdbx_validate_symm_contact.dist              2.07 
# 
loop_
_pdbx_validate_rmsd_bond.id 
_pdbx_validate_rmsd_bond.PDB_model_num 
_pdbx_validate_rmsd_bond.auth_atom_id_1 
_pdbx_validate_rmsd_bond.auth_asym_id_1 
_pdbx_validate_rmsd_bond.auth_comp_id_1 
_pdbx_validate_rmsd_bond.auth_seq_id_1 
_pdbx_validate_rmsd_bond.PDB_ins_code_1 
_pdbx_validate_rmsd_bond.label_alt_id_1 
_pdbx_validate_rmsd_bond.auth_atom_id_2 
_pdbx_validate_rmsd_bond.auth_asym_id_2 
_pdbx_validate_rmsd_bond.auth_comp_id_2 
_pdbx_validate_rmsd_bond.auth_seq_id_2 
_pdbx_validate_rmsd_bond.PDB_ins_code_2 
_pdbx_validate_rmsd_bond.label_alt_id_2 
_pdbx_validate_rmsd_bond.bond_value 
_pdbx_validate_rmsd_bond.bond_target_value 
_pdbx_validate_rmsd_bond.bond_deviation 
_pdbx_validate_rmsd_bond.bond_standard_deviation 
_pdbx_validate_rmsd_bond.linker_flag 
1  1 "C2'" A DG 2 ? ? "C1'" A DG 2 ? ? 1.617 1.519 0.098  0.010 N 
2  1 C6    A DG 2 ? ? N1    A DG 2 ? ? 1.317 1.391 -0.074 0.007 N 
3  1 C2    A DG 2 ? ? N2    A DG 2 ? ? 1.214 1.341 -0.127 0.010 N 
4  1 "C2'" A DA 3 ? ? "C1'" A DA 3 ? ? 1.584 1.519 0.065  0.010 N 
5  1 "O3'" A DA 3 ? ? "C3'" A DA 3 ? ? 1.382 1.419 -0.037 0.006 N 
6  1 "O3'" A DT 4 ? ? "C3'" A DT 4 ? ? 1.380 1.419 -0.039 0.006 N 
7  1 P     A DC 5 ? ? "O5'" A DC 5 ? ? 1.657 1.593 0.064  0.010 N 
8  1 "C2'" A DC 5 ? ? "C1'" A DC 5 ? ? 1.608 1.519 0.089  0.010 N 
9  1 N3    A DC 5 ? ? C4    A DC 5 ? ? 1.386 1.335 0.051  0.007 N 
10 1 C6    A DG 6 ? ? N1    A DG 6 ? ? 1.327 1.391 -0.064 0.007 N 
11 1 C2    A DG 6 ? ? N2    A DG 6 ? ? 1.225 1.341 -0.116 0.010 N 
# 
loop_
_pdbx_validate_rmsd_angle.id 
_pdbx_validate_rmsd_angle.PDB_model_num 
_pdbx_validate_rmsd_angle.auth_atom_id_1 
_pdbx_validate_rmsd_angle.auth_asym_id_1 
_pdbx_validate_rmsd_angle.auth_comp_id_1 
_pdbx_validate_rmsd_angle.auth_seq_id_1 
_pdbx_validate_rmsd_angle.PDB_ins_code_1 
_pdbx_validate_rmsd_angle.label_alt_id_1 
_pdbx_validate_rmsd_angle.auth_atom_id_2 
_pdbx_validate_rmsd_angle.auth_asym_id_2 
_pdbx_validate_rmsd_angle.auth_comp_id_2 
_pdbx_validate_rmsd_angle.auth_seq_id_2 
_pdbx_validate_rmsd_angle.PDB_ins_code_2 
_pdbx_validate_rmsd_angle.label_alt_id_2 
_pdbx_validate_rmsd_angle.auth_atom_id_3 
_pdbx_validate_rmsd_angle.auth_asym_id_3 
_pdbx_validate_rmsd_angle.auth_comp_id_3 
_pdbx_validate_rmsd_angle.auth_seq_id_3 
_pdbx_validate_rmsd_angle.PDB_ins_code_3 
_pdbx_validate_rmsd_angle.label_alt_id_3 
_pdbx_validate_rmsd_angle.angle_value 
_pdbx_validate_rmsd_angle.angle_target_value 
_pdbx_validate_rmsd_angle.angle_deviation 
_pdbx_validate_rmsd_angle.angle_standard_deviation 
_pdbx_validate_rmsd_angle.linker_flag 
1  1 "O5'" A DC 1 ? ? "C5'" A DC 1 ? ? "C4'" A DC 1 ? ? 103.62 109.40 -5.78  0.80 N 
2  1 "O4'" A DC 1 ? ? "C1'" A DC 1 ? ? N1    A DC 1 ? ? 101.82 108.00 -6.18  0.70 N 
3  1 C2    A DC 1 ? ? N3    A DC 1 ? ? C4    A DC 1 ? ? 124.55 119.90 4.65   0.50 N 
4  1 N3    A DC 1 ? ? C4    A DC 1 ? ? C5    A DC 1 ? ? 117.25 121.90 -4.65  0.40 N 
5  1 N1    A DC 1 ? ? C2    A DC 1 ? ? O2    A DC 1 ? ? 123.15 118.90 4.25   0.60 N 
6  1 "O5'" A DG 2 ? ? P     A DG 2 ? ? OP2   A DG 2 ? ? 95.66  105.70 -10.04 0.90 N 
7  1 "O5'" A DG 2 ? ? "C5'" A DG 2 ? ? "C4'" A DG 2 ? ? 101.26 109.40 -8.14  0.80 N 
8  1 "C3'" A DG 2 ? ? "C2'" A DG 2 ? ? "C1'" A DG 2 ? ? 94.46  102.40 -7.94  0.80 N 
9  1 "O4'" A DG 2 ? ? "C1'" A DG 2 ? ? "C2'" A DG 2 ? ? 100.82 105.90 -5.08  0.80 N 
10 1 "O4'" A DG 2 ? ? "C1'" A DG 2 ? ? N9    A DG 2 ? ? 117.05 108.30 8.75   0.30 N 
11 1 C6    A DG 2 ? ? N1    A DG 2 ? ? C2    A DG 2 ? ? 121.18 125.10 -3.92  0.60 N 
12 1 N1    A DG 2 ? ? C2    A DG 2 ? ? N3    A DG 2 ? ? 128.37 123.90 4.47   0.60 N 
13 1 C2    A DG 2 ? ? N3    A DG 2 ? ? C4    A DG 2 ? ? 108.81 111.90 -3.09  0.50 N 
14 1 C5    A DG 2 ? ? C6    A DG 2 ? ? N1    A DG 2 ? ? 116.33 111.50 4.83   0.50 N 
15 1 N1    A DG 2 ? ? C2    A DG 2 ? ? N2    A DG 2 ? ? 121.80 116.20 5.60   0.90 N 
16 1 N3    A DG 2 ? ? C2    A DG 2 ? ? N2    A DG 2 ? ? 109.83 119.90 -10.07 0.70 N 
17 1 C5    A DG 2 ? ? C6    A DG 2 ? ? O6    A DG 2 ? ? 124.69 128.60 -3.91  0.60 N 
18 1 "C3'" A DG 2 ? ? "O3'" A DG 2 ? ? P     A DA 3 ? ? 129.64 119.70 9.94   1.20 Y 
19 1 OP1   A DA 3 ? ? P     A DA 3 ? ? OP2   A DA 3 ? ? 128.88 119.60 9.28   1.50 N 
20 1 "O5'" A DA 3 ? ? P     A DA 3 ? ? OP1   A DA 3 ? ? 97.22  105.70 -8.48  0.90 N 
21 1 "O4'" A DA 3 ? ? "C1'" A DA 3 ? ? N9    A DA 3 ? ? 111.56 108.30 3.26   0.30 N 
22 1 "O5'" A DT 4 ? ? P     A DT 4 ? ? OP1   A DT 4 ? ? 95.50  105.70 -10.20 0.90 N 
23 1 "O5'" A DT 4 ? ? "C5'" A DT 4 ? ? "C4'" A DT 4 ? ? 100.05 109.40 -9.35  0.80 N 
24 1 "O5'" A DC 5 ? ? P     A DC 5 ? ? OP1   A DC 5 ? ? 97.72  105.70 -7.98  0.90 N 
25 1 "O5'" A DC 5 ? ? "C5'" A DC 5 ? ? "C4'" A DC 5 ? ? 101.88 109.40 -7.52  0.80 N 
26 1 "C3'" A DC 5 ? ? "C2'" A DC 5 ? ? "C1'" A DC 5 ? ? 94.52  102.40 -7.88  0.80 N 
27 1 "O4'" A DC 5 ? ? "C1'" A DC 5 ? ? "C2'" A DC 5 ? ? 99.63  105.90 -6.27  0.80 N 
28 1 "O4'" A DC 5 ? ? "C1'" A DC 5 ? ? N1    A DC 5 ? ? 119.18 108.30 10.88  0.30 N 
29 1 C2    A DC 5 ? ? N3    A DC 5 ? ? C4    A DC 5 ? ? 124.72 119.90 4.82   0.50 N 
30 1 N3    A DC 5 ? ? C4    A DC 5 ? ? C5    A DC 5 ? ? 116.95 121.90 -4.95  0.40 N 
31 1 "O5'" A DG 6 ? ? P     A DG 6 ? ? OP1   A DG 6 ? ? 96.75  105.70 -8.95  0.90 N 
32 1 "O5'" A DG 6 ? ? "C5'" A DG 6 ? ? "C4'" A DG 6 ? ? 100.63 109.40 -8.77  0.80 N 
33 1 P     A DG 6 ? ? "O5'" A DG 6 ? ? "C5'" A DG 6 ? ? 103.99 120.90 -16.91 1.60 N 
34 1 "O4'" A DG 6 ? ? "C4'" A DG 6 ? ? "C3'" A DG 6 ? ? 101.64 104.50 -2.86  0.40 N 
35 1 C6    A DG 6 ? ? N1    A DG 6 ? ? C2    A DG 6 ? ? 119.70 125.10 -5.40  0.60 N 
36 1 N1    A DG 6 ? ? C2    A DG 6 ? ? N3    A DG 6 ? ? 129.79 123.90 5.89   0.60 N 
37 1 C2    A DG 6 ? ? N3    A DG 6 ? ? C4    A DG 6 ? ? 108.56 111.90 -3.34  0.50 N 
38 1 C5    A DG 6 ? ? C6    A DG 6 ? ? N1    A DG 6 ? ? 116.96 111.50 5.46   0.50 N 
39 1 N3    A DG 6 ? ? C2    A DG 6 ? ? N2    A DG 6 ? ? 109.55 119.90 -10.35 0.70 N 
40 1 C5    A DG 6 ? ? C6    A DG 6 ? ? O6    A DG 6 ? ? 123.66 128.60 -4.94  0.60 N 
# 
_pdbx_validate_chiral.id              1 
_pdbx_validate_chiral.PDB_model_num   1 
_pdbx_validate_chiral.auth_atom_id    "C3'" 
_pdbx_validate_chiral.label_alt_id    ? 
_pdbx_validate_chiral.auth_asym_id    A 
_pdbx_validate_chiral.auth_comp_id    NOD 
_pdbx_validate_chiral.auth_seq_id     7 
_pdbx_validate_chiral.PDB_ins_code    ? 
_pdbx_validate_chiral.details         PLANAR 
_pdbx_validate_chiral.omega           . 
# 
_struct_site_keywords.site_id   1 
_struct_site_keywords.text      INTERCALATION 
# 
loop_
_chem_comp_atom.comp_id 
_chem_comp_atom.atom_id 
_chem_comp_atom.type_symbol 
_chem_comp_atom.pdbx_aromatic_flag 
_chem_comp_atom.pdbx_stereo_config 
_chem_comp_atom.pdbx_ordinal 
DA  OP3    O N N 1   
DA  P      P N N 2   
DA  OP1    O N N 3   
DA  OP2    O N N 4   
DA  "O5'"  O N N 5   
DA  "C5'"  C N N 6   
DA  "C4'"  C N R 7   
DA  "O4'"  O N N 8   
DA  "C3'"  C N S 9   
DA  "O3'"  O N N 10  
DA  "C2'"  C N N 11  
DA  "C1'"  C N R 12  
DA  N9     N Y N 13  
DA  C8     C Y N 14  
DA  N7     N Y N 15  
DA  C5     C Y N 16  
DA  C6     C Y N 17  
DA  N6     N N N 18  
DA  N1     N Y N 19  
DA  C2     C Y N 20  
DA  N3     N Y N 21  
DA  C4     C Y N 22  
DA  HOP3   H N N 23  
DA  HOP2   H N N 24  
DA  "H5'"  H N N 25  
DA  "H5''" H N N 26  
DA  "H4'"  H N N 27  
DA  "H3'"  H N N 28  
DA  "HO3'" H N N 29  
DA  "H2'"  H N N 30  
DA  "H2''" H N N 31  
DA  "H1'"  H N N 32  
DA  H8     H N N 33  
DA  H61    H N N 34  
DA  H62    H N N 35  
DA  H2     H N N 36  
DC  OP3    O N N 37  
DC  P      P N N 38  
DC  OP1    O N N 39  
DC  OP2    O N N 40  
DC  "O5'"  O N N 41  
DC  "C5'"  C N N 42  
DC  "C4'"  C N R 43  
DC  "O4'"  O N N 44  
DC  "C3'"  C N S 45  
DC  "O3'"  O N N 46  
DC  "C2'"  C N N 47  
DC  "C1'"  C N R 48  
DC  N1     N N N 49  
DC  C2     C N N 50  
DC  O2     O N N 51  
DC  N3     N N N 52  
DC  C4     C N N 53  
DC  N4     N N N 54  
DC  C5     C N N 55  
DC  C6     C N N 56  
DC  HOP3   H N N 57  
DC  HOP2   H N N 58  
DC  "H5'"  H N N 59  
DC  "H5''" H N N 60  
DC  "H4'"  H N N 61  
DC  "H3'"  H N N 62  
DC  "HO3'" H N N 63  
DC  "H2'"  H N N 64  
DC  "H2''" H N N 65  
DC  "H1'"  H N N 66  
DC  H41    H N N 67  
DC  H42    H N N 68  
DC  H5     H N N 69  
DC  H6     H N N 70  
DG  OP3    O N N 71  
DG  P      P N N 72  
DG  OP1    O N N 73  
DG  OP2    O N N 74  
DG  "O5'"  O N N 75  
DG  "C5'"  C N N 76  
DG  "C4'"  C N R 77  
DG  "O4'"  O N N 78  
DG  "C3'"  C N S 79  
DG  "O3'"  O N N 80  
DG  "C2'"  C N N 81  
DG  "C1'"  C N R 82  
DG  N9     N Y N 83  
DG  C8     C Y N 84  
DG  N7     N Y N 85  
DG  C5     C Y N 86  
DG  C6     C N N 87  
DG  O6     O N N 88  
DG  N1     N N N 89  
DG  C2     C N N 90  
DG  N2     N N N 91  
DG  N3     N N N 92  
DG  C4     C Y N 93  
DG  HOP3   H N N 94  
DG  HOP2   H N N 95  
DG  "H5'"  H N N 96  
DG  "H5''" H N N 97  
DG  "H4'"  H N N 98  
DG  "H3'"  H N N 99  
DG  "HO3'" H N N 100 
DG  "H2'"  H N N 101 
DG  "H2''" H N N 102 
DG  "H1'"  H N N 103 
DG  H8     H N N 104 
DG  H1     H N N 105 
DG  H21    H N N 106 
DG  H22    H N N 107 
DT  OP3    O N N 108 
DT  P      P N N 109 
DT  OP1    O N N 110 
DT  OP2    O N N 111 
DT  "O5'"  O N N 112 
DT  "C5'"  C N N 113 
DT  "C4'"  C N R 114 
DT  "O4'"  O N N 115 
DT  "C3'"  C N S 116 
DT  "O3'"  O N N 117 
DT  "C2'"  C N N 118 
DT  "C1'"  C N R 119 
DT  N1     N N N 120 
DT  C2     C N N 121 
DT  O2     O N N 122 
DT  N3     N N N 123 
DT  C4     C N N 124 
DT  O4     O N N 125 
DT  C5     C N N 126 
DT  C7     C N N 127 
DT  C6     C N N 128 
DT  HOP3   H N N 129 
DT  HOP2   H N N 130 
DT  "H5'"  H N N 131 
DT  "H5''" H N N 132 
DT  "H4'"  H N N 133 
DT  "H3'"  H N N 134 
DT  "HO3'" H N N 135 
DT  "H2'"  H N N 136 
DT  "H2''" H N N 137 
DT  "H1'"  H N N 138 
DT  H3     H N N 139 
DT  H71    H N N 140 
DT  H72    H N N 141 
DT  H73    H N N 142 
DT  H6     H N N 143 
HOH O      O N N 144 
HOH H1     H N N 145 
HOH H2     H N N 146 
NOD C1     C Y N 147 
NOD C2     C Y N 148 
NOD C3     C Y N 149 
NOD C4     C Y N 150 
NOD O4     O N N 151 
NOD C5     C Y N 152 
NOD C6     C N N 153 
NOD O6     O N N 154 
NOD C7     C Y N 155 
NOD C8     C Y N 156 
NOD O8     O N N 157 
NOD C9     C Y N 158 
NOD C10    C N S 159 
NOD O10    O N N 160 
NOD C11    C N N 161 
NOD C12    C N S 162 
NOD O12    O N N 163 
NOD C13    C N N 164 
NOD O13    O N N 165 
NOD C14    C N N 166 
NOD O14    O N N 167 
NOD C15    C N N 168 
NOD C16    C Y N 169 
NOD C17    C Y N 170 
NOD O17    O N N 171 
NOD C18    C Y N 172 
NOD C19    C N N 173 
NOD O19    O N N 174 
NOD C20    C Y N 175 
NOD C21    C N N 176 
NOD "C1'"  C N R 177 
NOD "C2'"  C N N 178 
NOD "C3'"  C N R 179 
NOD "C4'"  C N S 180 
NOD "O4'"  O N N 181 
NOD "C5'"  C N S 182 
NOD "O5'"  O N N 183 
NOD "C6'"  C N N 184 
NOD "N3'"  N N N 185 
NOD O16    O N N 186 
NOD C63    C N N 187 
NOD C53    C N N 188 
NOD H1     H N N 189 
NOD H2     H N N 190 
NOD H3     H N N 191 
NOD HO8    H N N 192 
NOD H10    H N N 193 
NOD H111   H N N 194 
NOD H112   H N N 195 
NOD HO12   H N N 196 
NOD H141   H N N 197 
NOD H142   H N N 198 
NOD HO14   H N N 199 
NOD H151   H N N 200 
NOD H152   H N N 201 
NOD HO17   H N N 202 
NOD H211   H N N 203 
NOD H212   H N N 204 
NOD H213   H N N 205 
NOD "H1'"  H N N 206 
NOD "H2'1" H N N 207 
NOD "H2'2" H N N 208 
NOD "H3'"  H N N 209 
NOD "H4'"  H N N 210 
NOD "HO4'" H N N 211 
NOD "H5'"  H N N 212 
NOD "H6'1" H N N 213 
NOD "H6'2" H N N 214 
NOD "H6'3" H N N 215 
NOD "HN3'" H N N 216 
NOD H16    H N N 217 
NOD H631   H N N 218 
NOD H632   H N N 219 
NOD H531   H N N 220 
NOD H532   H N N 221 
# 
loop_
_chem_comp_bond.comp_id 
_chem_comp_bond.atom_id_1 
_chem_comp_bond.atom_id_2 
_chem_comp_bond.value_order 
_chem_comp_bond.pdbx_aromatic_flag 
_chem_comp_bond.pdbx_stereo_config 
_chem_comp_bond.pdbx_ordinal 
DA  OP3   P      sing N N 1   
DA  OP3   HOP3   sing N N 2   
DA  P     OP1    doub N N 3   
DA  P     OP2    sing N N 4   
DA  P     "O5'"  sing N N 5   
DA  OP2   HOP2   sing N N 6   
DA  "O5'" "C5'"  sing N N 7   
DA  "C5'" "C4'"  sing N N 8   
DA  "C5'" "H5'"  sing N N 9   
DA  "C5'" "H5''" sing N N 10  
DA  "C4'" "O4'"  sing N N 11  
DA  "C4'" "C3'"  sing N N 12  
DA  "C4'" "H4'"  sing N N 13  
DA  "O4'" "C1'"  sing N N 14  
DA  "C3'" "O3'"  sing N N 15  
DA  "C3'" "C2'"  sing N N 16  
DA  "C3'" "H3'"  sing N N 17  
DA  "O3'" "HO3'" sing N N 18  
DA  "C2'" "C1'"  sing N N 19  
DA  "C2'" "H2'"  sing N N 20  
DA  "C2'" "H2''" sing N N 21  
DA  "C1'" N9     sing N N 22  
DA  "C1'" "H1'"  sing N N 23  
DA  N9    C8     sing Y N 24  
DA  N9    C4     sing Y N 25  
DA  C8    N7     doub Y N 26  
DA  C8    H8     sing N N 27  
DA  N7    C5     sing Y N 28  
DA  C5    C6     sing Y N 29  
DA  C5    C4     doub Y N 30  
DA  C6    N6     sing N N 31  
DA  C6    N1     doub Y N 32  
DA  N6    H61    sing N N 33  
DA  N6    H62    sing N N 34  
DA  N1    C2     sing Y N 35  
DA  C2    N3     doub Y N 36  
DA  C2    H2     sing N N 37  
DA  N3    C4     sing Y N 38  
DC  OP3   P      sing N N 39  
DC  OP3   HOP3   sing N N 40  
DC  P     OP1    doub N N 41  
DC  P     OP2    sing N N 42  
DC  P     "O5'"  sing N N 43  
DC  OP2   HOP2   sing N N 44  
DC  "O5'" "C5'"  sing N N 45  
DC  "C5'" "C4'"  sing N N 46  
DC  "C5'" "H5'"  sing N N 47  
DC  "C5'" "H5''" sing N N 48  
DC  "C4'" "O4'"  sing N N 49  
DC  "C4'" "C3'"  sing N N 50  
DC  "C4'" "H4'"  sing N N 51  
DC  "O4'" "C1'"  sing N N 52  
DC  "C3'" "O3'"  sing N N 53  
DC  "C3'" "C2'"  sing N N 54  
DC  "C3'" "H3'"  sing N N 55  
DC  "O3'" "HO3'" sing N N 56  
DC  "C2'" "C1'"  sing N N 57  
DC  "C2'" "H2'"  sing N N 58  
DC  "C2'" "H2''" sing N N 59  
DC  "C1'" N1     sing N N 60  
DC  "C1'" "H1'"  sing N N 61  
DC  N1    C2     sing N N 62  
DC  N1    C6     sing N N 63  
DC  C2    O2     doub N N 64  
DC  C2    N3     sing N N 65  
DC  N3    C4     doub N N 66  
DC  C4    N4     sing N N 67  
DC  C4    C5     sing N N 68  
DC  N4    H41    sing N N 69  
DC  N4    H42    sing N N 70  
DC  C5    C6     doub N N 71  
DC  C5    H5     sing N N 72  
DC  C6    H6     sing N N 73  
DG  OP3   P      sing N N 74  
DG  OP3   HOP3   sing N N 75  
DG  P     OP1    doub N N 76  
DG  P     OP2    sing N N 77  
DG  P     "O5'"  sing N N 78  
DG  OP2   HOP2   sing N N 79  
DG  "O5'" "C5'"  sing N N 80  
DG  "C5'" "C4'"  sing N N 81  
DG  "C5'" "H5'"  sing N N 82  
DG  "C5'" "H5''" sing N N 83  
DG  "C4'" "O4'"  sing N N 84  
DG  "C4'" "C3'"  sing N N 85  
DG  "C4'" "H4'"  sing N N 86  
DG  "O4'" "C1'"  sing N N 87  
DG  "C3'" "O3'"  sing N N 88  
DG  "C3'" "C2'"  sing N N 89  
DG  "C3'" "H3'"  sing N N 90  
DG  "O3'" "HO3'" sing N N 91  
DG  "C2'" "C1'"  sing N N 92  
DG  "C2'" "H2'"  sing N N 93  
DG  "C2'" "H2''" sing N N 94  
DG  "C1'" N9     sing N N 95  
DG  "C1'" "H1'"  sing N N 96  
DG  N9    C8     sing Y N 97  
DG  N9    C4     sing Y N 98  
DG  C8    N7     doub Y N 99  
DG  C8    H8     sing N N 100 
DG  N7    C5     sing Y N 101 
DG  C5    C6     sing N N 102 
DG  C5    C4     doub Y N 103 
DG  C6    O6     doub N N 104 
DG  C6    N1     sing N N 105 
DG  N1    C2     sing N N 106 
DG  N1    H1     sing N N 107 
DG  C2    N2     sing N N 108 
DG  C2    N3     doub N N 109 
DG  N2    H21    sing N N 110 
DG  N2    H22    sing N N 111 
DG  N3    C4     sing N N 112 
DT  OP3   P      sing N N 113 
DT  OP3   HOP3   sing N N 114 
DT  P     OP1    doub N N 115 
DT  P     OP2    sing N N 116 
DT  P     "O5'"  sing N N 117 
DT  OP2   HOP2   sing N N 118 
DT  "O5'" "C5'"  sing N N 119 
DT  "C5'" "C4'"  sing N N 120 
DT  "C5'" "H5'"  sing N N 121 
DT  "C5'" "H5''" sing N N 122 
DT  "C4'" "O4'"  sing N N 123 
DT  "C4'" "C3'"  sing N N 124 
DT  "C4'" "H4'"  sing N N 125 
DT  "O4'" "C1'"  sing N N 126 
DT  "C3'" "O3'"  sing N N 127 
DT  "C3'" "C2'"  sing N N 128 
DT  "C3'" "H3'"  sing N N 129 
DT  "O3'" "HO3'" sing N N 130 
DT  "C2'" "C1'"  sing N N 131 
DT  "C2'" "H2'"  sing N N 132 
DT  "C2'" "H2''" sing N N 133 
DT  "C1'" N1     sing N N 134 
DT  "C1'" "H1'"  sing N N 135 
DT  N1    C2     sing N N 136 
DT  N1    C6     sing N N 137 
DT  C2    O2     doub N N 138 
DT  C2    N3     sing N N 139 
DT  N3    C4     sing N N 140 
DT  N3    H3     sing N N 141 
DT  C4    O4     doub N N 142 
DT  C4    C5     sing N N 143 
DT  C5    C7     sing N N 144 
DT  C5    C6     doub N N 145 
DT  C7    H71    sing N N 146 
DT  C7    H72    sing N N 147 
DT  C7    H73    sing N N 148 
DT  C6    H6     sing N N 149 
HOH O     H1     sing N N 150 
HOH O     H2     sing N N 151 
NOD C1    C2     doub Y N 152 
NOD C1    C20    sing Y N 153 
NOD C1    H1     sing N N 154 
NOD C2    C3     sing Y N 155 
NOD C2    H2     sing N N 156 
NOD C3    C4     doub Y N 157 
NOD C3    H3     sing N N 158 
NOD C4    O4     sing N N 159 
NOD C4    C5     sing Y N 160 
NOD O4    C21    sing N N 161 
NOD C5    C6     sing N N 162 
NOD C5    C20    doub Y N 163 
NOD C6    O6     doub N N 164 
NOD C6    C7     sing N N 165 
NOD C7    C8     doub Y N 166 
NOD C7    C18    sing Y N 167 
NOD C8    O8     sing N N 168 
NOD C8    C9     sing Y N 169 
NOD O8    HO8    sing N N 170 
NOD C9    C10    sing N N 171 
NOD C9    C16    doub Y N 172 
NOD C10   O10    sing N N 173 
NOD C10   C11    sing N N 174 
NOD C10   H10    sing N N 175 
NOD O10   "C1'"  sing N N 176 
NOD C11   C12    sing N N 177 
NOD C11   H111   sing N N 178 
NOD C11   H112   sing N N 179 
NOD C12   O12    sing N N 180 
NOD C12   C13    sing N N 181 
NOD C12   C15    sing N N 182 
NOD O12   HO12   sing N N 183 
NOD C13   O13    doub N N 184 
NOD C13   C14    sing N N 185 
NOD C14   O14    sing N N 186 
NOD C14   H141   sing N N 187 
NOD C14   H142   sing N N 188 
NOD O14   HO14   sing N N 189 
NOD C15   C16    sing N N 190 
NOD C15   H151   sing N N 191 
NOD C15   H152   sing N N 192 
NOD C16   C17    sing Y N 193 
NOD C17   O17    sing N N 194 
NOD C17   C18    doub Y N 195 
NOD O17   HO17   sing N N 196 
NOD C18   C19    sing N N 197 
NOD C19   O19    doub N N 198 
NOD C19   C20    sing N N 199 
NOD C21   H211   sing N N 200 
NOD C21   H212   sing N N 201 
NOD C21   H213   sing N N 202 
NOD "C1'" "C2'"  sing N N 203 
NOD "C1'" "O5'"  sing N N 204 
NOD "C1'" "H1'"  sing N N 205 
NOD "C2'" "C3'"  sing N N 206 
NOD "C2'" "H2'1" sing N N 207 
NOD "C2'" "H2'2" sing N N 208 
NOD "C3'" "C4'"  sing N N 209 
NOD "C3'" "N3'"  sing N N 210 
NOD "C3'" "H3'"  sing N N 211 
NOD "C4'" "O4'"  sing N N 212 
NOD "C4'" "C5'"  sing N N 213 
NOD "C4'" "H4'"  sing N N 214 
NOD "O4'" "HO4'" sing N N 215 
NOD "C5'" "O5'"  sing N N 216 
NOD "C5'" "C6'"  sing N N 217 
NOD "C5'" "H5'"  sing N N 218 
NOD "C6'" "H6'1" sing N N 219 
NOD "C6'" "H6'2" sing N N 220 
NOD "C6'" "H6'3" sing N N 221 
NOD "N3'" C53    sing N N 222 
NOD "N3'" "HN3'" sing N N 223 
NOD O16   C63    sing N N 224 
NOD O16   H16    sing N N 225 
NOD C63   C53    sing N N 226 
NOD C63   H631   sing N N 227 
NOD C63   H632   sing N N 228 
NOD C53   H531   sing N N 229 
NOD C53   H532   sing N N 230 
# 
_ndb_struct_conf_na.entry_id   385D 
_ndb_struct_conf_na.feature    'b-form double helix' 
# 
loop_
_ndb_struct_na_base_pair.model_number 
_ndb_struct_na_base_pair.i_label_asym_id 
_ndb_struct_na_base_pair.i_label_comp_id 
_ndb_struct_na_base_pair.i_label_seq_id 
_ndb_struct_na_base_pair.i_symmetry 
_ndb_struct_na_base_pair.j_label_asym_id 
_ndb_struct_na_base_pair.j_label_comp_id 
_ndb_struct_na_base_pair.j_label_seq_id 
_ndb_struct_na_base_pair.j_symmetry 
_ndb_struct_na_base_pair.shear 
_ndb_struct_na_base_pair.stretch 
_ndb_struct_na_base_pair.stagger 
_ndb_struct_na_base_pair.buckle 
_ndb_struct_na_base_pair.propeller 
_ndb_struct_na_base_pair.opening 
_ndb_struct_na_base_pair.pair_number 
_ndb_struct_na_base_pair.pair_name 
_ndb_struct_na_base_pair.i_auth_asym_id 
_ndb_struct_na_base_pair.i_auth_seq_id 
_ndb_struct_na_base_pair.i_PDB_ins_code 
_ndb_struct_na_base_pair.j_auth_asym_id 
_ndb_struct_na_base_pair.j_auth_seq_id 
_ndb_struct_na_base_pair.j_PDB_ins_code 
_ndb_struct_na_base_pair.hbond_type_28 
_ndb_struct_na_base_pair.hbond_type_12 
1 A DC 1 1_555 A DG 6 8_665 0.167  -0.222 -0.040 9.654   -1.468 2.898 1 A_DC1:DG6_A A 1 ? A 6 ? 19 1 
1 A DG 2 1_555 A DC 5 8_665 0.116  -0.231 -0.017 -11.310 0.978  3.050 2 A_DG2:DC5_A A 2 ? A 5 ? 19 1 
1 A DA 3 1_555 A DT 4 8_665 0.435  -0.183 -0.134 -11.608 -4.503 0.645 3 A_DA3:DT4_A A 3 ? A 4 ? 20 1 
1 A DT 4 1_555 A DA 3 8_665 -0.435 -0.183 -0.134 11.608  -4.503 0.645 4 A_DT4:DA3_A A 4 ? A 3 ? 20 1 
1 A DC 5 1_555 A DG 2 8_665 -0.116 -0.231 -0.017 11.310  0.978  3.050 5 A_DC5:DG2_A A 5 ? A 2 ? 19 1 
1 A DG 6 1_555 A DC 1 8_665 -0.167 -0.222 -0.040 -9.654  -1.468 2.898 6 A_DG6:DC1_A A 6 ? A 1 ? 19 1 
# 
loop_
_ndb_struct_na_base_pair_step.model_number 
_ndb_struct_na_base_pair_step.i_label_asym_id_1 
_ndb_struct_na_base_pair_step.i_label_comp_id_1 
_ndb_struct_na_base_pair_step.i_label_seq_id_1 
_ndb_struct_na_base_pair_step.i_symmetry_1 
_ndb_struct_na_base_pair_step.j_label_asym_id_1 
_ndb_struct_na_base_pair_step.j_label_comp_id_1 
_ndb_struct_na_base_pair_step.j_label_seq_id_1 
_ndb_struct_na_base_pair_step.j_symmetry_1 
_ndb_struct_na_base_pair_step.i_label_asym_id_2 
_ndb_struct_na_base_pair_step.i_label_comp_id_2 
_ndb_struct_na_base_pair_step.i_label_seq_id_2 
_ndb_struct_na_base_pair_step.i_symmetry_2 
_ndb_struct_na_base_pair_step.j_label_asym_id_2 
_ndb_struct_na_base_pair_step.j_label_comp_id_2 
_ndb_struct_na_base_pair_step.j_label_seq_id_2 
_ndb_struct_na_base_pair_step.j_symmetry_2 
_ndb_struct_na_base_pair_step.shift 
_ndb_struct_na_base_pair_step.slide 
_ndb_struct_na_base_pair_step.rise 
_ndb_struct_na_base_pair_step.tilt 
_ndb_struct_na_base_pair_step.roll 
_ndb_struct_na_base_pair_step.twist 
_ndb_struct_na_base_pair_step.x_displacement 
_ndb_struct_na_base_pair_step.y_displacement 
_ndb_struct_na_base_pair_step.helical_rise 
_ndb_struct_na_base_pair_step.inclination 
_ndb_struct_na_base_pair_step.tip 
_ndb_struct_na_base_pair_step.helical_twist 
_ndb_struct_na_base_pair_step.step_number 
_ndb_struct_na_base_pair_step.step_name 
_ndb_struct_na_base_pair_step.i_auth_asym_id_1 
_ndb_struct_na_base_pair_step.i_auth_seq_id_1 
_ndb_struct_na_base_pair_step.i_PDB_ins_code_1 
_ndb_struct_na_base_pair_step.j_auth_asym_id_1 
_ndb_struct_na_base_pair_step.j_auth_seq_id_1 
_ndb_struct_na_base_pair_step.j_PDB_ins_code_1 
_ndb_struct_na_base_pair_step.i_auth_asym_id_2 
_ndb_struct_na_base_pair_step.i_auth_seq_id_2 
_ndb_struct_na_base_pair_step.i_PDB_ins_code_2 
_ndb_struct_na_base_pair_step.j_auth_asym_id_2 
_ndb_struct_na_base_pair_step.j_auth_seq_id_2 
_ndb_struct_na_base_pair_step.j_PDB_ins_code_2 
1 A DC 1 1_555 A DG 6 8_665 A DG 2 1_555 A DC 5 8_665 1.100  1.103  7.023 -0.489 -4.557 35.840 3.146  -1.921 6.821 -7.368 0.791  
36.123 1 AA_DC1DG2:DC5DG6_AA A 1 ? A 6 ? A 2 ? A 5 ? 
1 A DG 2 1_555 A DC 5 8_665 A DA 3 1_555 A DT 4 8_665 -1.061 0.389  3.486 -2.861 4.562  33.320 -0.135 1.324  3.582 7.892  4.949  
33.740 2 AA_DG2DA3:DT4DC5_AA A 2 ? A 5 ? A 3 ? A 4 ? 
1 A DA 3 1_555 A DT 4 8_665 A DT 4 1_555 A DA 3 8_665 0.000  -0.461 2.876 0.000  0.815  25.401 -1.253 0.000  2.860 1.853  0.000  
25.414 3 AA_DA3DT4:DA3DT4_AA A 3 ? A 4 ? A 4 ? A 3 ? 
1 A DT 4 1_555 A DA 3 8_665 A DC 5 1_555 A DG 2 8_665 1.061  0.389  3.486 2.861  4.562  33.320 -0.135 -1.324 3.582 7.892  -4.949 
33.740 4 AA_DT4DC5:DG2DA3_AA A 4 ? A 3 ? A 5 ? A 2 ? 
1 A DC 5 1_555 A DG 2 8_665 A DG 6 1_555 A DC 1 8_665 -1.100 1.103  7.023 0.489  -4.557 35.840 3.146  1.921  6.821 -7.368 -0.791 
36.123 5 AA_DC5DG6:DC1DG2_AA A 5 ? A 2 ? A 6 ? A 1 ? 
# 
_atom_sites.entry_id                    385D 
_atom_sites.fract_transf_matrix[1][1]   -0.01854959 
_atom_sites.fract_transf_matrix[1][2]   -0.02831474 
_atom_sites.fract_transf_matrix[1][3]   -0.01085907 
_atom_sites.fract_transf_matrix[2][1]   0.00249540 
_atom_sites.fract_transf_matrix[2][2]   0.01126112 
_atom_sites.fract_transf_matrix[2][3]   -0.03362576 
_atom_sites.fract_transf_matrix[3][1]   0.01587358 
_atom_sites.fract_transf_matrix[3][2]   -0.00961586 
_atom_sites.fract_transf_matrix[3][3]   -0.00204232 
_atom_sites.fract_transf_vector[1]      0.587136 
_atom_sites.fract_transf_vector[2]      0.511325 
_atom_sites.fract_transf_vector[3]      0.215101 
# 
loop_
_atom_type.symbol 
C 
N 
O 
P 
# 
loop_
_atom_site.group_PDB 
_atom_site.id 
_atom_site.type_symbol 
_atom_site.label_atom_id 
_atom_site.label_alt_id 
_atom_site.label_comp_id 
_atom_site.label_asym_id 
_atom_site.label_entity_id 
_atom_site.label_seq_id 
_atom_site.pdbx_PDB_ins_code 
_atom_site.Cartn_x 
_atom_site.Cartn_y 
_atom_site.Cartn_z 
_atom_site.occupancy 
_atom_site.B_iso_or_equiv 
_atom_site.pdbx_formal_charge 
_atom_site.auth_seq_id 
_atom_site.auth_comp_id 
_atom_site.auth_asym_id 
_atom_site.auth_atom_id 
_atom_site.pdbx_PDB_model_num 
ATOM   1   O "O5'" . DC  A 1 1 ? 13.752  1.637  -5.233 1.00 12.61 ? 1  DC  A "O5'" 1 
ATOM   2   C "C5'" . DC  A 1 1 ? 14.809  0.844  -5.732 1.00 13.01 ? 1  DC  A "C5'" 1 
ATOM   3   C "C4'" . DC  A 1 1 ? 14.120  -0.491 -6.099 1.00 13.21 ? 1  DC  A "C4'" 1 
ATOM   4   O "O4'" . DC  A 1 1 ? 14.525  -1.452 -5.086 1.00 12.96 ? 1  DC  A "O4'" 1 
ATOM   5   C "C3'" . DC  A 1 1 ? 12.568  -0.560 -6.160 1.00 13.68 ? 1  DC  A "C3'" 1 
ATOM   6   O "O3'" . DC  A 1 1 ? 12.180  -1.113 -7.391 1.00 14.86 ? 1  DC  A "O3'" 1 
ATOM   7   C "C2'" . DC  A 1 1 ? 12.148  -1.445 -5.010 1.00 13.12 ? 1  DC  A "C2'" 1 
ATOM   8   C "C1'" . DC  A 1 1 ? 13.454  -2.216 -4.627 1.00 12.48 ? 1  DC  A "C1'" 1 
ATOM   9   N N1    . DC  A 1 1 ? 13.727  -2.274 -3.152 1.00 11.83 ? 1  DC  A N1    1 
ATOM   10  C C2    . DC  A 1 1 ? 13.360  -3.439 -2.543 1.00 11.65 ? 1  DC  A C2    1 
ATOM   11  O O2    . DC  A 1 1 ? 12.849  -4.365 -3.138 1.00 11.56 ? 1  DC  A O2    1 
ATOM   12  N N3    . DC  A 1 1 ? 13.577  -3.514 -1.197 1.00 11.47 ? 1  DC  A N3    1 
ATOM   13  C C4    . DC  A 1 1 ? 14.154  -2.524 -0.448 1.00 11.41 ? 1  DC  A C4    1 
ATOM   14  N N4    . DC  A 1 1 ? 14.326  -2.733 0.895  1.00 11.57 ? 1  DC  A N4    1 
ATOM   15  C C5    . DC  A 1 1 ? 14.518  -1.327 -1.120 1.00 11.95 ? 1  DC  A C5    1 
ATOM   16  C C6    . DC  A 1 1 ? 14.302  -1.244 -2.444 1.00 11.72 ? 1  DC  A C6    1 
ATOM   17  P P     . DG  A 1 2 ? 10.972  -0.578 -8.264 1.00 15.83 ? 2  DG  A P     1 
ATOM   18  O OP1   . DG  A 1 2 ? 11.218  -1.077 -9.629 1.00 15.92 ? 2  DG  A OP1   1 
ATOM   19  O OP2   . DG  A 1 2 ? 10.805  0.809  -8.020 1.00 15.97 ? 2  DG  A OP2   1 
ATOM   20  O "O5'" . DG  A 1 2 ? 9.527   -1.032 -7.624 1.00 15.15 ? 2  DG  A "O5'" 1 
ATOM   21  C "C5'" . DG  A 1 2 ? 9.413   -2.407 -7.297 1.00 14.23 ? 2  DG  A "C5'" 1 
ATOM   22  C "C4'" . DG  A 1 2 ? 8.005   -2.456 -6.700 1.00 13.64 ? 2  DG  A "C4'" 1 
ATOM   23  O "O4'" . DG  A 1 2 ? 8.204   -2.301 -5.267 1.00 12.92 ? 2  DG  A "O4'" 1 
ATOM   24  C "C3'" . DG  A 1 2 ? 6.970   -1.348 -7.109 1.00 13.73 ? 2  DG  A "C3'" 1 
ATOM   25  O "O3'" . DG  A 1 2 ? 5.657   -1.768 -6.943 1.00 15.10 ? 2  DG  A "O3'" 1 
ATOM   26  C "C2'" . DG  A 1 2 ? 7.338   -0.285 -6.081 1.00 13.13 ? 2  DG  A "C2'" 1 
ATOM   27  C "C1'" . DG  A 1 2 ? 7.301   -1.306 -4.827 1.00 12.01 ? 2  DG  A "C1'" 1 
ATOM   28  N N9    . DG  A 1 2 ? 7.668   -0.570 -3.693 1.00 11.54 ? 2  DG  A N9    1 
ATOM   29  C C8    . DG  A 1 2 ? 8.264   0.632  -3.660 1.00 11.03 ? 2  DG  A C8    1 
ATOM   30  N N7    . DG  A 1 2 ? 8.484   1.094  -2.424 1.00 10.95 ? 2  DG  A N7    1 
ATOM   31  C C5    . DG  A 1 2 ? 7.986   0.100  -1.628 1.00 10.72 ? 2  DG  A C5    1 
ATOM   32  C C6    . DG  A 1 2 ? 7.911   -0.019 -0.208 1.00 10.37 ? 2  DG  A C6    1 
ATOM   33  O O6    . DG  A 1 2 ? 8.340   0.844  0.609  1.00 10.35 ? 2  DG  A O6    1 
ATOM   34  N N1    . DG  A 1 2 ? 7.371   -1.126 0.257  1.00 10.13 ? 2  DG  A N1    1 
ATOM   35  C C2    . DG  A 1 2 ? 6.909   -2.069 -0.566 1.00 9.92  ? 2  DG  A C2    1 
ATOM   36  N N2    . DG  A 1 2 ? 6.406   -3.092 -0.149 1.00 9.43  ? 2  DG  A N2    1 
ATOM   37  N N3    . DG  A 1 2 ? 6.909   -2.076 -1.917 1.00 10.50 ? 2  DG  A N3    1 
ATOM   38  C C4    . DG  A 1 2 ? 7.478   -0.940 -2.356 1.00 10.71 ? 2  DG  A C4    1 
ATOM   39  P P     . DA  A 1 3 ? 4.514   -1.992 -8.034 1.00 16.10 ? 3  DA  A P     1 
ATOM   40  O OP1   . DA  A 1 3 ? 5.120   -2.903 -8.932 1.00 15.94 ? 3  DA  A OP1   1 
ATOM   41  O OP2   . DA  A 1 3 ? 3.966   -0.662 -8.305 1.00 16.20 ? 3  DA  A OP2   1 
ATOM   42  O "O5'" . DA  A 1 3 ? 3.284   -2.972 -7.541 1.00 15.88 ? 3  DA  A "O5'" 1 
ATOM   43  C "C5'" . DA  A 1 3 ? 3.584   -4.286 -7.174 1.00 15.35 ? 3  DA  A "C5'" 1 
ATOM   44  C "C4'" . DA  A 1 3 ? 2.844   -4.567 -5.848 1.00 14.83 ? 3  DA  A "C4'" 1 
ATOM   45  O "O4'" . DA  A 1 3 ? 3.597   -3.879 -4.882 1.00 14.08 ? 3  DA  A "O4'" 1 
ATOM   46  C "C3'" . DA  A 1 3 ? 1.419   -3.970 -5.759 1.00 15.18 ? 3  DA  A "C3'" 1 
ATOM   47  O "O3'" . DA  A 1 3 ? 0.518   -5.017 -5.803 1.00 16.34 ? 3  DA  A "O3'" 1 
ATOM   48  C "C2'" . DA  A 1 3 ? 1.343   -3.208 -4.465 1.00 14.57 ? 3  DA  A "C2'" 1 
ATOM   49  C "C1'" . DA  A 1 3 ? 2.780   -3.385 -3.824 1.00 13.72 ? 3  DA  A "C1'" 1 
ATOM   50  N N9    . DA  A 1 3 ? 3.285   -2.162 -3.301 1.00 12.94 ? 3  DA  A N9    1 
ATOM   51  C C8    . DA  A 1 3 ? 3.814   -1.148 -3.982 1.00 12.85 ? 3  DA  A C8    1 
ATOM   52  N N7    . DA  A 1 3 ? 4.238   -0.145 -3.231 1.00 12.76 ? 3  DA  A N7    1 
ATOM   53  C C5    . DA  A 1 3 ? 3.947   -0.572 -1.966 1.00 12.71 ? 3  DA  A C5    1 
ATOM   54  C C6    . DA  A 1 3 ? 4.160   0.045  -0.692 1.00 12.64 ? 3  DA  A C6    1 
ATOM   55  N N6    . DA  A 1 3 ? 4.697   1.285  -0.578 1.00 12.66 ? 3  DA  A N6    1 
ATOM   56  N N1    . DA  A 1 3 ? 3.806   -0.655 0.389  1.00 12.42 ? 3  DA  A N1    1 
ATOM   57  C C2    . DA  A 1 3 ? 3.242   -1.851 0.244  1.00 12.07 ? 3  DA  A C2    1 
ATOM   58  N N3    . DA  A 1 3 ? 2.988   -2.515 -0.885 1.00 12.55 ? 3  DA  A N3    1 
ATOM   59  C C4    . DA  A 1 3 ? 3.380   -1.813 -1.956 1.00 12.72 ? 3  DA  A C4    1 
ATOM   60  P P     . DT  A 1 4 ? -1.054  -4.886 -5.588 1.00 16.49 ? 4  DT  A P     1 
ATOM   61  O OP1   . DT  A 1 4 ? -1.480  -6.245 -5.703 1.00 16.34 ? 4  DT  A OP1   1 
ATOM   62  O OP2   . DT  A 1 4 ? -1.528  -3.773 -6.411 1.00 16.46 ? 4  DT  A OP2   1 
ATOM   63  O "O5'" . DT  A 1 4 ? -1.430  -4.737 -4.008 1.00 16.43 ? 4  DT  A "O5'" 1 
ATOM   64  C "C5'" . DT  A 1 4 ? -1.273  -5.861 -3.142 1.00 15.92 ? 4  DT  A "C5'" 1 
ATOM   65  C "C4'" . DT  A 1 4 ? -1.691  -5.228 -1.799 1.00 15.61 ? 4  DT  A "C4'" 1 
ATOM   66  O "O4'" . DT  A 1 4 ? -0.783  -4.166 -1.443 1.00 15.60 ? 4  DT  A "O4'" 1 
ATOM   67  C "C3'" . DT  A 1 4 ? -3.131  -4.577 -1.813 1.00 15.64 ? 4  DT  A "C3'" 1 
ATOM   68  O "O3'" . DT  A 1 4 ? -3.790  -5.321 -0.855 1.00 15.79 ? 4  DT  A "O3'" 1 
ATOM   69  C "C2'" . DT  A 1 4 ? -2.921  -3.107 -1.584 1.00 15.14 ? 4  DT  A "C2'" 1 
ATOM   70  C "C1'" . DT  A 1 4 ? -1.524  -3.071 -0.916 1.00 14.72 ? 4  DT  A "C1'" 1 
ATOM   71  N N1    . DT  A 1 4 ? -0.764  -1.791 -1.160 1.00 14.35 ? 4  DT  A N1    1 
ATOM   72  C C2    . DT  A 1 4 ? -0.253  -1.241 -0.030 1.00 14.28 ? 4  DT  A C2    1 
ATOM   73  O O2    . DT  A 1 4 ? -0.377  -1.715 1.087  1.00 14.46 ? 4  DT  A O2    1 
ATOM   74  N N3    . DT  A 1 4 ? 0.433   -0.066 -0.191 1.00 14.19 ? 4  DT  A N3    1 
ATOM   75  C C4    . DT  A 1 4 ? 0.626   0.561  -1.406 1.00 14.18 ? 4  DT  A C4    1 
ATOM   76  O O4    . DT  A 1 4 ? 1.294   1.624  -1.396 1.00 14.03 ? 4  DT  A O4    1 
ATOM   77  C C5    . DT  A 1 4 ? 0.074   -0.057 -2.557 1.00 14.35 ? 4  DT  A C5    1 
ATOM   78  C C7    . DT  A 1 4 ? 0.232   0.521  -3.931 1.00 14.09 ? 4  DT  A C7    1 
ATOM   79  C C6    . DT  A 1 4 ? -0.606  -1.193 -2.385 1.00 14.29 ? 4  DT  A C6    1 
ATOM   80  P P     . DC  A 1 5 ? -5.355  -5.523 -0.756 1.00 16.17 ? 5  DC  A P     1 
ATOM   81  O OP1   . DC  A 1 5 ? -5.468  -6.500 0.264  1.00 16.07 ? 5  DC  A OP1   1 
ATOM   82  O OP2   . DC  A 1 5 ? -5.938  -5.570 -2.096 1.00 16.05 ? 5  DC  A OP2   1 
ATOM   83  O "O5'" . DC  A 1 5 ? -5.936  -4.233 0.107  1.00 15.98 ? 5  DC  A "O5'" 1 
ATOM   84  C "C5'" . DC  A 1 5 ? -5.703  -4.389 1.512  1.00 15.42 ? 5  DC  A "C5'" 1 
ATOM   85  C "C4'" . DC  A 1 5 ? -5.724  -2.958 1.991  1.00 14.91 ? 5  DC  A "C4'" 1 
ATOM   86  O "O4'" . DC  A 1 5 ? -4.577  -2.191 1.446  1.00 14.73 ? 5  DC  A "O4'" 1 
ATOM   87  C "C3'" . DC  A 1 5 ? -6.946  -2.107 1.592  1.00 14.99 ? 5  DC  A "C3'" 1 
ATOM   88  O "O3'" . DC  A 1 5 ? -7.208  -1.331 2.733  1.00 15.39 ? 5  DC  A "O3'" 1 
ATOM   89  C "C2'" . DC  A 1 5 ? -6.411  -1.225 0.474  1.00 14.68 ? 5  DC  A "C2'" 1 
ATOM   90  C "C1'" . DC  A 1 5 ? -5.024  -0.902 1.221  1.00 14.04 ? 5  DC  A "C1'" 1 
ATOM   91  N N1    . DC  A 1 5 ? -4.250  -0.013 0.308  1.00 13.80 ? 5  DC  A N1    1 
ATOM   92  C C2    . DC  A 1 5 ? -3.455  0.941  0.873  1.00 13.64 ? 5  DC  A C2    1 
ATOM   93  O O2    . DC  A 1 5 ? -3.341  1.056  2.085  1.00 13.39 ? 5  DC  A O2    1 
ATOM   94  N N3    . DC  A 1 5 ? -2.787  1.759  0.005  1.00 13.61 ? 5  DC  A N3    1 
ATOM   95  C C4    . DC  A 1 5 ? -2.870  1.680  -1.376 1.00 13.71 ? 5  DC  A C4    1 
ATOM   96  N N4    . DC  A 1 5 ? -2.187  2.553  -2.183 1.00 13.87 ? 5  DC  A N4    1 
ATOM   97  C C5    . DC  A 1 5 ? -3.719  0.680  -1.912 1.00 13.66 ? 5  DC  A C5    1 
ATOM   98  C C6    . DC  A 1 5 ? -4.367  -0.110 -1.061 1.00 13.67 ? 5  DC  A C6    1 
ATOM   99  P P     . DG  A 1 6 ? -8.543  -1.637 3.515  1.00 15.37 ? 6  DG  A P     1 
ATOM   100 O OP1   . DG  A 1 6 ? -8.393  -2.970 3.932  1.00 15.93 ? 6  DG  A OP1   1 
ATOM   101 O OP2   . DG  A 1 6 ? -9.606  -1.148 2.613  1.00 15.36 ? 6  DG  A OP2   1 
ATOM   102 O "O5'" . DG  A 1 6 ? -8.543  -0.966 5.008  1.00 14.86 ? 6  DG  A "O5'" 1 
ATOM   103 C "C5'" . DG  A 1 6 ? -7.758  0.270  4.844  1.00 14.11 ? 6  DG  A "C5'" 1 
ATOM   104 C "C4'" . DG  A 1 6 ? -8.078  0.977  6.138  1.00 13.42 ? 6  DG  A "C4'" 1 
ATOM   105 O "O4'" . DG  A 1 6 ? -8.068  2.385  6.002  1.00 12.92 ? 6  DG  A "O4'" 1 
ATOM   106 C "C3'" . DG  A 1 6 ? -9.544  0.720  6.681  1.00 13.34 ? 6  DG  A "C3'" 1 
ATOM   107 O "O3'" . DG  A 1 6 ? -9.416  1.021  8.054  1.00 13.92 ? 6  DG  A "O3'" 1 
ATOM   108 C "C2'" . DG  A 1 6 ? -10.364 1.635  5.814  1.00 12.38 ? 6  DG  A "C2'" 1 
ATOM   109 C "C1'" . DG  A 1 6 ? -9.372  2.821  5.637  1.00 11.84 ? 6  DG  A "C1'" 1 
ATOM   110 N N9    . DG  A 1 6 ? -9.258  3.201  4.291  1.00 11.26 ? 6  DG  A N9    1 
ATOM   111 C C8    . DG  A 1 6 ? -9.786  2.586  3.217  1.00 11.01 ? 6  DG  A C8    1 
ATOM   112 N N7    . DG  A 1 6 ? -9.552  3.220  2.084  1.00 10.85 ? 6  DG  A N7    1 
ATOM   113 C C5    . DG  A 1 6 ? -8.854  4.324  2.471  1.00 10.79 ? 6  DG  A C5    1 
ATOM   114 C C6    . DG  A 1 6 ? -8.297  5.401  1.715  1.00 10.70 ? 6  DG  A C6    1 
ATOM   115 O O6    . DG  A 1 6 ? -8.403  5.504  0.462  1.00 10.67 ? 6  DG  A O6    1 
ATOM   116 N N1    . DG  A 1 6 ? -7.668  6.351  2.395  1.00 10.39 ? 6  DG  A N1    1 
ATOM   117 C C2    . DG  A 1 6 ? -7.555  6.252  3.717  1.00 10.16 ? 6  DG  A C2    1 
ATOM   118 N N2    . DG  A 1 6 ? -6.969  7.113  4.361  1.00 10.02 ? 6  DG  A N2    1 
ATOM   119 N N3    . DG  A 1 6 ? -8.012  5.303  4.548  1.00 10.62 ? 6  DG  A N3    1 
ATOM   120 C C4    . DG  A 1 6 ? -8.644  4.358  3.817  1.00 10.93 ? 6  DG  A C4    1 
HETATM 121 C C1    . NOD B 2 . ? -4.620  5.362  -2.678 1.00 8.74  ? 7  NOD A C1    1 
HETATM 122 C C2    . NOD B 2 . ? -5.208  4.646  -3.722 1.00 8.92  ? 7  NOD A C2    1 
HETATM 123 C C3    . NOD B 2 . ? -5.980  3.514  -3.386 1.00 9.37  ? 7  NOD A C3    1 
HETATM 124 C C4    . NOD B 2 . ? -6.133  3.155  -2.049 1.00 9.10  ? 7  NOD A C4    1 
HETATM 125 O O4    . NOD B 2 . ? -6.891  2.023  -1.716 1.00 9.66  ? 7  NOD A O4    1 
HETATM 126 C C5    . NOD B 2 . ? -5.530  3.857  -1.007 1.00 8.47  ? 7  NOD A C5    1 
HETATM 127 C C6    . NOD B 2 . ? -5.666  3.498  0.327  1.00 8.12  ? 7  NOD A C6    1 
HETATM 128 O O6    . NOD B 2 . ? -6.427  2.395  0.743  1.00 7.26  ? 7  NOD A O6    1 
HETATM 129 C C7    . NOD B 2 . ? -5.028  4.238  1.309  1.00 7.67  ? 7  NOD A C7    1 
HETATM 130 C C8    . NOD B 2 . ? -5.199  3.884  2.645  1.00 8.14  ? 7  NOD A C8    1 
HETATM 131 O O8    . NOD B 2 . ? -5.950  2.748  2.957  1.00 7.76  ? 7  NOD A O8    1 
HETATM 132 C C9    . NOD B 2 . ? -4.591  4.666  3.629  1.00 8.34  ? 7  NOD A C9    1 
HETATM 133 C C10   . NOD B 2 . ? -4.783  4.192  5.035  1.00 8.68  ? 7  NOD A C10   1 
HETATM 134 O O10   . NOD B 2 . ? -4.385  2.849  5.041  1.00 9.03  ? 7  NOD A O10   1 
HETATM 135 C C11   . NOD B 2 . ? -4.243  5.111  6.154  1.00 9.09  ? 7  NOD A C11   1 
HETATM 136 C C12   . NOD B 2 . ? -2.901  5.759  5.678  1.00 9.22  ? 7  NOD A C12   1 
HETATM 137 O O12   . NOD B 2 . ? -1.871  4.826  5.475  1.00 9.57  ? 7  NOD A O12   1 
HETATM 138 C C13   . NOD B 2 . ? -2.484  6.864  6.655  1.00 9.80  ? 7  NOD A C13   1 
HETATM 139 O O13   . NOD B 2 . ? -3.232  8.028  6.650  1.00 9.82  ? 7  NOD A O13   1 
HETATM 140 C C14   . NOD B 2 . ? -1.296  6.664  7.503  1.00 10.28 ? 7  NOD A C14   1 
HETATM 141 O O14   . NOD B 2 . ? -1.654  6.824  8.886  1.00 10.98 ? 7  NOD A O14   1 
HETATM 142 C C15   . NOD B 2 . ? -3.154  6.562  4.369  1.00 8.89  ? 7  NOD A C15   1 
HETATM 143 C C16   . NOD B 2 . ? -3.798  5.762  3.302  1.00 8.32  ? 7  NOD A C16   1 
HETATM 144 C C17   . NOD B 2 . ? -3.684  6.127  1.965  1.00 7.81  ? 7  NOD A C17   1 
HETATM 145 O O17   . NOD B 2 . ? -2.933  7.209  1.540  1.00 6.96  ? 7  NOD A O17   1 
HETATM 146 C C18   . NOD B 2 . ? -4.294  5.365  0.970  1.00 7.83  ? 7  NOD A C18   1 
HETATM 147 C C19   . NOD B 2 . ? -4.146  5.753  -0.363 1.00 8.37  ? 7  NOD A C19   1 
HETATM 148 O O19   . NOD B 2 . ? -3.417  6.812  -0.739 1.00 8.64  ? 7  NOD A O19   1 
HETATM 149 C C20   . NOD B 2 . ? -4.759  4.969  -1.346 1.00 8.42  ? 7  NOD A C20   1 
HETATM 150 C C21   . NOD B 2 . ? -7.171  1.108  -2.851 1.00 9.61  ? 7  NOD A C21   1 
HETATM 151 C "C1'" . NOD B 2 . ? -4.735  1.877  5.991  1.00 10.17 ? 7  NOD A "C1'" 1 
HETATM 152 C "C2'" . NOD B 2 . ? -4.553  0.424  5.510  1.00 10.54 ? 7  NOD A "C2'" 1 
HETATM 153 C "C3'" . NOD B 2 . ? -3.128  -0.037 5.720  1.00 11.23 ? 7  NOD A "C3'" 1 
HETATM 154 C "C4'" . NOD B 2 . ? -2.393  0.379  6.994  1.00 10.87 ? 7  NOD A "C4'" 1 
HETATM 155 O "O4'" . NOD B 2 . ? -2.977  -0.278 8.190  1.00 10.63 ? 7  NOD A "O4'" 1 
HETATM 156 C "C5'" . NOD B 2 . ? -2.663  1.901  7.245  1.00 10.59 ? 7  NOD A "C5'" 1 
HETATM 157 O "O5'" . NOD B 2 . ? -4.135  2.069  7.291  1.00 10.20 ? 7  NOD A "O5'" 1 
HETATM 158 C "C6'" . NOD B 2 . ? -2.206  2.342  8.632  1.00 10.95 ? 7  NOD A "C6'" 1 
HETATM 159 N "N3'" . NOD B 2 . ? -2.515  -0.644 4.546  1.00 11.69 ? 7  NOD A "N3'" 1 
HETATM 160 O O16   . NOD B 2 . ? -0.128  -2.819 6.635  1.00 13.80 ? 7  NOD A O16   1 
HETATM 161 C C63   . NOD B 2 . ? -0.550  -1.512 6.026  1.00 13.13 ? 7  NOD A C63   1 
HETATM 162 C C53   . NOD B 2 . ? -1.412  -1.597 4.747  1.00 12.57 ? 7  NOD A C53   1 
HETATM 163 O O     . HOH C 3 . ? -6.261  -2.451 -2.489 1.00 15.89 ? 8  HOH A O     1 
HETATM 164 O O     . HOH C 3 . ? 14.068  -4.505 3.879  1.00 19.48 ? 9  HOH A O     1 
HETATM 165 O O     . HOH C 3 . ? -9.434  -5.414 2.208  1.00 20.15 ? 10 HOH A O     1 
HETATM 166 O O     . HOH C 3 . ? -10.172 -4.844 6.836  1.00 23.02 ? 11 HOH A O     1 
HETATM 167 O O     . HOH C 3 . ? -7.526  5.357  7.362  1.00 23.07 ? 12 HOH A O     1 
HETATM 168 O O     . HOH C 3 . ? -9.554  1.897  -0.202 1.00 24.27 ? 13 HOH A O     1 
HETATM 169 O O     . HOH C 3 . ? 6.526   3.457  1.932  1.00 24.93 ? 14 HOH A O     1 
HETATM 170 O O     . HOH C 3 . ? 11.643  -5.171 -5.692 1.00 25.59 ? 15 HOH A O     1 
HETATM 171 O O     . HOH C 3 . ? 11.372  3.677  -5.708 1.00 26.16 ? 16 HOH A O     1 
HETATM 172 O O     . HOH C 3 . ? 1.481   -5.204 5.048  1.00 27.83 ? 17 HOH A O     1 
HETATM 173 O O     . HOH C 3 . ? 4.833   2.258  -4.146 1.00 30.41 ? 18 HOH A O     1 
HETATM 174 O O     . HOH C 3 . ? 7.664   3.915  -1.156 1.00 33.01 ? 19 HOH A O     1 
HETATM 175 O O     . HOH C 3 . ? -12.258 -0.371 2.882  1.00 36.59 ? 20 HOH A O     1 
HETATM 176 O O     . HOH C 3 . ? -4.330  -2.842 5.839  1.00 37.07 ? 21 HOH A O     1 
HETATM 177 O O     . HOH C 3 . ? 5.495   3.934  -1.888 1.00 38.02 ? 22 HOH A O     1 
HETATM 178 O O     . HOH C 3 . ? -5.665  -1.734 8.550  1.00 40.35 ? 23 HOH A O     1 
HETATM 179 O O     . HOH C 3 . ? -13.152 -1.773 5.780  1.00 41.33 ? 24 HOH A O     1 
HETATM 180 O O     . HOH C 3 . ? -0.442  -9.355 -2.442 1.00 43.89 ? 25 HOH A O     1 
HETATM 181 O O     . HOH C 3 . ? 5.153   9.894  3.444  1.00 44.43 ? 26 HOH A O     1 
HETATM 182 O O     . HOH C 3 . ? -3.963  -2.576 11.748 1.00 44.75 ? 27 HOH A O     1 
HETATM 183 O O     . HOH C 3 . ? 14.092  -3.768 -7.687 1.00 45.10 ? 28 HOH A O     1 
HETATM 184 O O     . HOH C 3 . ? -0.232  -9.668 2.340  1.00 45.21 ? 29 HOH A O     1 
HETATM 185 O O     . HOH C 3 . ? -6.703  -7.275 3.540  1.00 47.92 ? 30 HOH A O     1 
HETATM 186 O O     . HOH C 3 . ? -3.825  8.725  -5.734 1.00 49.17 ? 31 HOH A O     1 
HETATM 187 O O     . HOH C 3 . ? 15.802  -1.671 2.792  1.00 49.80 ? 32 HOH A O     1 
HETATM 188 O O     . HOH C 3 . ? -4.180  6.963  10.940 1.00 49.88 ? 33 HOH A O     1 
HETATM 189 O O     . HOH C 3 . ? -3.743  -8.777 0.714  1.00 51.46 ? 34 HOH A O     1 
# 
